data_4N40
#
_entry.id   4N40
#
_cell.length_a   123.700
_cell.length_b   123.700
_cell.length_c   89.244
_cell.angle_alpha   90.00
_cell.angle_beta   90.00
_cell.angle_gamma   120.00
#
_symmetry.space_group_name_H-M   'H 3'
#
_entity_poly.entity_id   1
_entity_poly.type   'polypeptide(L)'
_entity_poly.pdbx_seq_one_letter_code
;E(MSE)PQIETRVILVQEAGKQEELIKALKDIKVGFVK(MSE)ESVEEFEGLDSPEFENVFVVTDFQDSVFNDLYKADCR
VIGPPVVLNCSQKGEPLPFSCRPLYCTS(MSE)(MSE)NLVLCFTGFRKKEELVRLVTLVHH(MSE)GGVIRKDFNSKVT
HLVANCTQGEKFRVAVSLGTPI(MSE)KPEWIYKAWERRNEQDFYAAVDDFRNEFKVPPFQDCILSFLGFSDEEKTN
(MSE)EE(MSE)TE(MSE)QGGKYLPLGDERCTHLVVEENIVKDLPFEPSKKLYVVKQEWFWGSIQ(MSE)DARAGET
(MSE)YLYEK
;
_entity_poly.pdbx_strand_id   A
#
# COMPACT_ATOMS: atom_id res chain seq x y z
N GLU A 1 -17.32 3.80 -25.06
CA GLU A 1 -17.56 2.37 -25.01
C GLU A 1 -16.76 1.73 -26.11
N PRO A 3 -16.11 -2.10 -26.31
CA PRO A 3 -16.80 -3.30 -26.82
C PRO A 3 -18.12 -2.82 -27.44
N GLN A 4 -18.46 -3.26 -28.64
CA GLN A 4 -19.55 -2.62 -29.37
C GLN A 4 -20.94 -3.17 -29.04
N ILE A 5 -21.15 -3.52 -27.77
CA ILE A 5 -22.31 -4.30 -27.42
C ILE A 5 -22.72 -4.15 -25.98
N GLU A 6 -24.02 -4.24 -25.77
CA GLU A 6 -24.63 -4.09 -24.48
C GLU A 6 -24.11 -5.04 -23.39
N THR A 7 -23.80 -4.46 -22.25
CA THR A 7 -23.20 -5.19 -21.13
C THR A 7 -24.23 -5.81 -20.22
N ARG A 8 -23.88 -7.00 -19.74
CA ARG A 8 -24.78 -7.76 -18.91
C ARG A 8 -24.03 -8.41 -17.77
N VAL A 9 -24.54 -8.26 -16.56
CA VAL A 9 -23.91 -8.81 -15.37
C VAL A 9 -24.40 -10.19 -15.05
N ILE A 10 -23.49 -11.10 -14.79
CA ILE A 10 -23.86 -12.43 -14.32
C ILE A 10 -23.63 -12.44 -12.81
N LEU A 11 -24.63 -12.82 -12.03
CA LEU A 11 -24.45 -12.96 -10.59
C LEU A 11 -24.02 -14.40 -10.25
N VAL A 12 -22.78 -14.57 -9.86
CA VAL A 12 -22.23 -15.91 -9.70
C VAL A 12 -22.51 -16.47 -8.30
N GLN A 13 -23.10 -17.66 -8.27
CA GLN A 13 -23.51 -18.34 -7.04
C GLN A 13 -24.22 -17.42 -6.05
N GLU A 14 -23.89 -17.60 -4.78
CA GLU A 14 -24.57 -16.95 -3.66
C GLU A 14 -24.66 -15.42 -3.78
N ALA A 15 -24.02 -14.88 -4.82
CA ALA A 15 -24.16 -13.47 -5.20
C ALA A 15 -25.59 -13.24 -5.63
N GLY A 16 -26.15 -14.25 -6.30
CA GLY A 16 -27.52 -14.24 -6.76
C GLY A 16 -28.50 -13.82 -5.67
N LYS A 17 -28.24 -14.31 -4.46
CA LYS A 17 -29.10 -14.07 -3.31
C LYS A 17 -28.97 -12.64 -2.76
N GLN A 18 -27.75 -12.10 -2.77
CA GLN A 18 -27.51 -10.77 -2.20
C GLN A 18 -28.45 -9.69 -2.76
N GLU A 19 -29.16 -9.05 -1.86
CA GLU A 19 -30.32 -8.27 -2.23
C GLU A 19 -29.97 -6.86 -2.68
N GLU A 20 -29.35 -6.11 -1.76
CA GLU A 20 -29.00 -4.73 -2.02
C GLU A 20 -28.42 -4.63 -3.45
N LEU A 21 -27.74 -5.70 -3.84
CA LEU A 21 -27.12 -5.84 -5.16
C LEU A 21 -28.11 -5.69 -6.31
N ILE A 22 -28.97 -6.68 -6.49
CA ILE A 22 -30.02 -6.64 -7.49
C ILE A 22 -30.64 -5.26 -7.58
N LYS A 23 -31.04 -4.74 -6.43
CA LYS A 23 -31.73 -3.45 -6.37
C LYS A 23 -30.85 -2.39 -7.04
N ALA A 24 -29.54 -2.59 -6.96
CA ALA A 24 -28.53 -1.67 -7.49
C ALA A 24 -28.39 -1.82 -8.99
N LEU A 25 -28.34 -3.06 -9.48
CA LEU A 25 -28.33 -3.31 -10.91
C LEU A 25 -29.55 -2.66 -11.52
N LYS A 26 -30.72 -3.05 -11.00
CA LYS A 26 -31.98 -2.44 -11.37
C LYS A 26 -31.82 -0.92 -11.26
N ASP A 27 -31.20 -0.48 -10.16
CA ASP A 27 -31.02 0.95 -9.93
C ASP A 27 -30.25 1.64 -11.07
N ILE A 28 -29.35 0.91 -11.72
CA ILE A 28 -28.54 1.50 -12.79
C ILE A 28 -28.80 0.84 -14.14
N LYS A 29 -30.05 0.45 -14.38
CA LYS A 29 -30.48 -0.11 -15.68
C LYS A 29 -29.49 -1.11 -16.33
N VAL A 30 -28.92 -2.01 -15.52
CA VAL A 30 -28.11 -3.10 -16.06
C VAL A 30 -28.76 -4.47 -15.82
N GLY A 31 -28.92 -5.20 -16.91
CA GLY A 31 -29.56 -6.49 -16.88
C GLY A 31 -28.67 -7.54 -16.26
N PHE A 32 -29.24 -8.39 -15.44
CA PHE A 32 -28.46 -9.50 -14.93
C PHE A 32 -29.07 -10.83 -15.24
N VAL A 33 -28.34 -11.87 -14.91
CA VAL A 33 -28.75 -13.23 -15.07
C VAL A 33 -28.10 -13.87 -13.86
N LYS A 34 -28.34 -15.15 -13.59
CA LYS A 34 -27.58 -15.77 -12.50
C LYS A 34 -26.88 -17.07 -12.92
N GLU A 36 -25.04 -20.70 -10.97
CA GLU A 36 -24.67 -21.44 -9.76
C GLU A 36 -23.55 -22.43 -10.04
N SER A 37 -23.45 -22.86 -11.29
CA SER A 37 -22.48 -23.88 -11.70
C SER A 37 -21.60 -23.42 -12.85
N VAL A 38 -20.35 -23.89 -12.87
CA VAL A 38 -19.40 -23.54 -13.94
C VAL A 38 -19.72 -24.26 -15.26
N GLU A 39 -20.70 -25.15 -15.24
CA GLU A 39 -21.15 -25.80 -16.47
C GLU A 39 -22.11 -24.87 -17.21
N GLU A 40 -22.91 -24.11 -16.45
CA GLU A 40 -23.85 -23.13 -17.00
C GLU A 40 -23.13 -22.10 -17.90
N PHE A 41 -21.83 -21.96 -17.67
CA PHE A 41 -20.95 -21.07 -18.42
C PHE A 41 -21.17 -21.12 -19.92
N GLU A 42 -21.28 -22.32 -20.48
CA GLU A 42 -21.26 -22.50 -21.93
C GLU A 42 -22.37 -21.69 -22.59
N GLY A 43 -23.56 -21.72 -21.98
CA GLY A 43 -24.75 -21.14 -22.57
C GLY A 43 -24.89 -19.64 -22.33
N LEU A 44 -23.84 -19.08 -21.76
CA LEU A 44 -23.82 -17.66 -21.47
C LEU A 44 -23.12 -16.87 -22.59
N ASP A 45 -22.47 -17.57 -23.52
CA ASP A 45 -21.92 -16.91 -24.70
C ASP A 45 -23.13 -16.48 -25.54
N SER A 46 -23.31 -15.16 -25.64
CA SER A 46 -24.47 -14.60 -26.31
C SER A 46 -24.03 -13.44 -27.15
N PRO A 47 -24.35 -13.49 -28.46
CA PRO A 47 -24.02 -12.39 -29.37
C PRO A 47 -24.56 -11.07 -28.84
N GLU A 48 -25.56 -11.12 -27.99
CA GLU A 48 -26.22 -9.90 -27.57
C GLU A 48 -25.49 -9.10 -26.47
N PHE A 49 -24.65 -9.76 -25.66
CA PHE A 49 -24.01 -9.09 -24.53
C PHE A 49 -22.60 -9.46 -24.29
N GLU A 50 -21.85 -8.48 -23.79
CA GLU A 50 -20.58 -8.73 -23.13
C GLU A 50 -20.86 -9.03 -21.67
N ASN A 51 -20.27 -10.08 -21.15
CA ASN A 51 -20.59 -10.54 -19.80
C ASN A 51 -19.59 -10.16 -18.71
N VAL A 52 -20.13 -9.61 -17.65
CA VAL A 52 -19.35 -9.23 -16.50
C VAL A 52 -19.82 -10.10 -15.34
N PHE A 53 -18.96 -10.98 -14.85
CA PHE A 53 -19.38 -11.85 -13.76
C PHE A 53 -19.06 -11.26 -12.42
N VAL A 54 -20.10 -11.20 -11.57
CA VAL A 54 -19.93 -10.78 -10.19
C VAL A 54 -19.65 -12.00 -9.33
N VAL A 55 -18.51 -11.97 -8.65
CA VAL A 55 -18.16 -12.98 -7.64
C VAL A 55 -18.19 -12.32 -6.27
N THR A 56 -18.66 -13.09 -5.30
CA THR A 56 -18.87 -12.60 -3.94
C THR A 56 -17.55 -12.56 -3.18
N ASP A 57 -16.73 -13.57 -3.40
CA ASP A 57 -15.45 -13.66 -2.73
C ASP A 57 -14.41 -14.32 -3.62
N PHE A 58 -13.35 -13.59 -3.92
CA PHE A 58 -12.13 -14.25 -4.38
C PHE A 58 -11.49 -14.74 -3.07
N GLN A 59 -11.17 -16.02 -3.03
CA GLN A 59 -11.44 -16.83 -4.18
C GLN A 59 -12.21 -18.00 -3.70
N ASP A 60 -13.48 -17.99 -4.08
CA ASP A 60 -14.23 -19.20 -4.18
C ASP A 60 -13.55 -20.01 -5.29
N SER A 61 -13.96 -21.26 -5.44
CA SER A 61 -13.35 -22.12 -6.43
C SER A 61 -13.57 -21.45 -7.79
N VAL A 62 -14.81 -20.99 -7.97
CA VAL A 62 -15.28 -20.43 -9.21
C VAL A 62 -14.39 -19.28 -9.70
N PHE A 63 -13.67 -18.68 -8.77
CA PHE A 63 -12.81 -17.58 -9.15
C PHE A 63 -11.65 -17.98 -10.03
N ASN A 64 -10.86 -18.99 -9.64
CA ASN A 64 -9.72 -19.29 -10.50
C ASN A 64 -10.26 -19.99 -11.72
N ASP A 65 -11.59 -20.14 -11.75
CA ASP A 65 -12.25 -20.79 -12.86
C ASP A 65 -12.45 -19.80 -13.98
N LEU A 66 -13.20 -18.76 -13.64
CA LEU A 66 -13.44 -17.64 -14.54
C LEU A 66 -12.12 -17.07 -14.98
N TYR A 67 -11.23 -16.75 -14.04
CA TYR A 67 -9.91 -16.32 -14.44
C TYR A 67 -9.38 -17.14 -15.65
N LYS A 68 -9.41 -18.47 -15.54
CA LYS A 68 -8.79 -19.31 -16.56
C LYS A 68 -9.45 -19.14 -17.91
N ALA A 69 -10.71 -18.71 -17.90
CA ALA A 69 -11.46 -18.43 -19.11
C ALA A 69 -11.20 -17.03 -19.67
N ASP A 70 -10.44 -16.23 -18.93
CA ASP A 70 -10.15 -14.85 -19.32
C ASP A 70 -11.35 -13.92 -19.29
N CYS A 71 -12.26 -14.10 -18.34
CA CYS A 71 -13.43 -13.24 -18.36
C CYS A 71 -13.52 -12.22 -17.26
N ARG A 72 -14.42 -11.26 -17.48
CA ARG A 72 -14.40 -10.00 -16.76
C ARG A 72 -15.08 -10.12 -15.42
N VAL A 73 -14.30 -9.96 -14.36
CA VAL A 73 -14.82 -10.29 -13.05
C VAL A 73 -14.80 -9.10 -12.08
N ILE A 74 -15.78 -9.06 -11.19
CA ILE A 74 -15.85 -8.01 -10.18
C ILE A 74 -16.54 -8.39 -8.86
N GLY A 75 -16.35 -7.54 -7.87
CA GLY A 75 -16.83 -7.82 -6.54
C GLY A 75 -18.03 -6.97 -6.29
N PRO A 76 -18.96 -7.47 -5.46
CA PRO A 76 -20.13 -6.68 -5.10
C PRO A 76 -19.82 -5.21 -4.88
N PRO A 77 -18.79 -4.88 -4.08
CA PRO A 77 -18.61 -3.46 -3.76
C PRO A 77 -18.57 -2.57 -4.98
N VAL A 78 -18.04 -3.10 -6.08
CA VAL A 78 -17.80 -2.31 -7.29
C VAL A 78 -19.12 -1.84 -7.87
N VAL A 79 -20.15 -2.60 -7.57
CA VAL A 79 -21.48 -2.41 -8.12
C VAL A 79 -22.27 -1.41 -7.31
N LEU A 80 -22.49 -1.73 -6.04
CA LEU A 80 -23.25 -0.87 -5.16
C LEU A 80 -22.71 0.53 -5.29
N ASN A 81 -21.39 0.62 -5.39
CA ASN A 81 -20.69 1.88 -5.44
C ASN A 81 -21.07 2.64 -6.69
N CYS A 82 -21.40 1.92 -7.75
CA CYS A 82 -21.86 2.52 -8.99
C CYS A 82 -23.27 3.04 -8.77
N SER A 83 -24.09 2.25 -8.09
CA SER A 83 -25.44 2.69 -7.76
C SER A 83 -25.45 3.87 -6.78
N GLN A 84 -24.52 3.87 -5.84
CA GLN A 84 -24.40 4.97 -4.88
C GLN A 84 -23.92 6.25 -5.54
N LYS A 85 -22.82 6.16 -6.26
CA LYS A 85 -22.23 7.35 -6.81
C LYS A 85 -22.82 7.60 -8.20
N GLY A 86 -23.84 6.82 -8.54
CA GLY A 86 -24.49 6.94 -9.84
C GLY A 86 -23.56 6.80 -11.04
N GLU A 87 -22.81 5.71 -11.05
CA GLU A 87 -21.75 5.52 -12.03
C GLU A 87 -22.18 4.55 -13.14
N PRO A 88 -21.22 4.20 -14.01
CA PRO A 88 -21.30 3.04 -14.91
C PRO A 88 -20.24 2.04 -14.50
N LEU A 89 -20.39 0.78 -14.91
CA LEU A 89 -19.36 -0.22 -14.65
C LEU A 89 -18.00 0.23 -15.09
N PRO A 90 -17.03 0.21 -14.17
CA PRO A 90 -15.67 0.52 -14.58
C PRO A 90 -15.08 -0.67 -15.32
N PHE A 91 -14.06 -0.43 -16.14
CA PHE A 91 -13.32 -1.53 -16.72
C PHE A 91 -11.86 -1.59 -16.21
N SER A 92 -11.31 -2.81 -16.16
CA SER A 92 -9.87 -3.03 -16.02
C SER A 92 -9.43 -4.42 -16.52
N CYS A 93 -8.17 -4.52 -16.96
CA CYS A 93 -7.63 -5.77 -17.47
C CYS A 93 -7.85 -6.90 -16.49
N ARG A 94 -7.83 -6.56 -15.21
CA ARG A 94 -7.85 -7.57 -14.18
C ARG A 94 -9.12 -7.59 -13.35
N PRO A 95 -9.37 -8.70 -12.64
CA PRO A 95 -10.51 -8.73 -11.72
C PRO A 95 -10.47 -7.54 -10.84
N LEU A 96 -11.64 -7.06 -10.44
CA LEU A 96 -11.71 -5.90 -9.57
C LEU A 96 -12.66 -6.20 -8.45
N TYR A 97 -12.19 -6.33 -7.22
CA TYR A 97 -13.16 -6.56 -6.18
C TYR A 97 -13.79 -5.24 -5.84
N CYS A 98 -12.99 -4.34 -5.31
CA CYS A 98 -13.50 -3.05 -4.96
C CYS A 98 -12.62 -1.99 -5.57
N THR A 99 -12.49 -0.87 -4.87
CA THR A 99 -12.02 0.31 -5.52
C THR A 99 -11.22 1.20 -4.52
N SER A 100 -10.92 0.62 -3.36
CA SER A 100 -10.05 1.25 -2.37
C SER A 100 -8.84 1.93 -3.00
N ASN A 103 -7.19 5.28 -7.94
CA ASN A 103 -6.33 4.83 -9.00
C ASN A 103 -4.99 5.40 -8.57
N LEU A 104 -4.37 4.66 -7.66
CA LEU A 104 -3.06 4.95 -7.16
C LEU A 104 -2.10 4.20 -8.04
N VAL A 105 -0.83 4.54 -7.84
CA VAL A 105 0.24 3.92 -8.55
C VAL A 105 1.25 3.59 -7.48
N LEU A 106 1.53 2.31 -7.32
CA LEU A 106 2.40 1.89 -6.25
C LEU A 106 3.72 1.46 -6.80
N CYS A 107 4.69 1.22 -5.90
CA CYS A 107 6.07 0.89 -6.28
C CYS A 107 6.73 0.18 -5.12
N PHE A 108 7.59 -0.82 -5.38
CA PHE A 108 8.14 -1.63 -4.27
C PHE A 108 9.66 -1.61 -4.12
N THR A 109 10.13 -1.60 -2.88
CA THR A 109 11.56 -1.61 -2.59
C THR A 109 11.78 -2.53 -1.39
N GLY A 110 12.81 -3.36 -1.47
CA GLY A 110 13.21 -4.18 -0.34
C GLY A 110 12.33 -5.38 -0.03
N PHE A 111 12.03 -6.14 -1.07
CA PHE A 111 11.26 -7.36 -0.90
C PHE A 111 12.13 -8.52 -1.35
N ARG A 112 12.29 -9.53 -0.51
CA ARG A 112 13.22 -10.62 -0.81
C ARG A 112 12.50 -11.93 -1.09
N LYS A 113 11.20 -12.00 -0.79
CA LYS A 113 10.43 -13.23 -0.97
C LYS A 113 9.31 -13.09 -2.04
N LYS A 114 9.42 -13.83 -3.15
CA LYS A 114 8.50 -13.71 -4.28
C LYS A 114 7.04 -13.86 -3.92
N GLU A 115 6.68 -15.05 -3.46
CA GLU A 115 5.32 -15.34 -2.97
C GLU A 115 4.60 -14.14 -2.32
N GLU A 116 5.21 -13.59 -1.28
CA GLU A 116 4.60 -12.47 -0.58
C GLU A 116 4.39 -11.29 -1.54
N LEU A 117 5.39 -10.98 -2.36
CA LEU A 117 5.27 -9.85 -3.29
C LEU A 117 3.99 -10.00 -4.12
N VAL A 118 3.94 -11.09 -4.88
CA VAL A 118 2.76 -11.47 -5.64
C VAL A 118 1.46 -11.28 -4.89
N ARG A 119 1.43 -11.78 -3.66
CA ARG A 119 0.23 -11.68 -2.85
C ARG A 119 -0.13 -10.22 -2.72
N LEU A 120 0.82 -9.39 -2.31
CA LEU A 120 0.59 -7.97 -2.28
C LEU A 120 0.13 -7.52 -3.65
N VAL A 121 0.90 -7.87 -4.67
CA VAL A 121 0.61 -7.39 -6.02
C VAL A 121 -0.80 -7.71 -6.48
N THR A 122 -1.25 -8.91 -6.20
CA THR A 122 -2.63 -9.26 -6.46
C THR A 122 -3.58 -8.35 -5.72
N LEU A 123 -3.39 -8.25 -4.42
CA LEU A 123 -4.33 -7.49 -3.60
C LEU A 123 -4.55 -6.07 -4.09
N VAL A 124 -3.46 -5.34 -4.27
CA VAL A 124 -3.53 -4.05 -4.93
C VAL A 124 -4.40 -4.13 -6.18
N HIS A 125 -4.05 -5.05 -7.07
CA HIS A 125 -4.79 -5.18 -8.31
C HIS A 125 -6.30 -5.24 -8.11
N HIS A 126 -6.73 -6.12 -7.20
CA HIS A 126 -8.13 -6.30 -6.88
C HIS A 126 -8.79 -5.02 -6.42
N GLY A 128 -8.40 -1.13 -7.13
CA GLY A 128 -7.45 -1.81 -7.97
C GLY A 128 -6.40 -0.78 -8.37
N GLY A 129 -5.21 -0.95 -7.81
CA GLY A 129 -4.12 -0.04 -8.08
C GLY A 129 -3.33 -0.62 -9.22
N VAL A 130 -2.33 0.14 -9.65
CA VAL A 130 -1.36 -0.35 -10.60
C VAL A 130 0.02 -0.18 -9.96
N ILE A 131 1.03 -0.76 -10.60
CA ILE A 131 2.39 -0.78 -10.07
C ILE A 131 3.37 -0.31 -11.13
N ARG A 132 4.51 0.20 -10.70
CA ARG A 132 5.57 0.63 -11.60
C ARG A 132 6.89 0.00 -11.23
N LYS A 133 7.51 -0.64 -12.21
CA LYS A 133 8.83 -1.20 -12.06
C LYS A 133 9.67 -0.10 -11.46
N ASP A 134 9.75 0.99 -12.21
CA ASP A 134 10.70 2.07 -11.98
C ASP A 134 10.04 3.20 -11.21
N PHE A 135 10.75 3.75 -10.25
CA PHE A 135 10.21 4.87 -9.46
C PHE A 135 10.33 6.18 -10.23
N ASN A 136 9.20 6.84 -10.42
CA ASN A 136 9.19 8.17 -11.00
C ASN A 136 8.18 9.08 -10.31
N SER A 137 7.71 10.07 -11.05
CA SER A 137 6.76 11.08 -10.58
C SER A 137 5.35 10.52 -10.46
N LYS A 138 5.00 9.64 -11.39
CA LYS A 138 3.64 9.14 -11.54
C LYS A 138 3.25 8.30 -10.34
N VAL A 139 4.24 7.90 -9.54
CA VAL A 139 3.95 7.08 -8.36
C VAL A 139 3.08 7.79 -7.33
N THR A 140 1.88 7.24 -7.13
CA THR A 140 0.93 7.70 -6.15
C THR A 140 1.26 7.22 -4.75
N HIS A 141 0.46 7.78 -3.85
CA HIS A 141 0.12 7.30 -2.50
C HIS A 141 1.02 6.25 -1.92
N LEU A 142 2.25 6.11 -2.41
CA LEU A 142 2.88 4.82 -2.18
C LEU A 142 4.24 4.47 -2.75
N VAL A 143 5.20 4.26 -1.86
CA VAL A 143 6.17 3.20 -2.11
C VAL A 143 5.84 2.18 -1.03
N ALA A 144 5.57 0.95 -1.41
CA ALA A 144 5.47 -0.11 -0.41
C ALA A 144 6.92 -0.53 -0.19
N ASN A 145 7.33 -0.79 1.06
CA ASN A 145 8.75 -0.79 1.38
C ASN A 145 9.33 -1.37 2.71
N CYS A 146 10.58 -1.82 2.62
CA CYS A 146 11.51 -2.12 3.74
C CYS A 146 12.85 -1.26 3.80
N THR A 147 13.02 -0.47 4.88
CA THR A 147 13.82 0.81 4.98
C THR A 147 15.09 1.21 4.18
N GLN A 148 16.13 0.39 4.12
CA GLN A 148 17.27 0.80 3.29
C GLN A 148 16.84 0.84 1.81
N GLY A 149 17.22 1.87 1.04
CA GLY A 149 16.89 1.81 -0.38
C GLY A 149 17.12 3.00 -1.30
N GLU A 150 17.38 2.70 -2.57
CA GLU A 150 17.74 3.71 -3.58
C GLU A 150 16.56 4.49 -4.13
N LYS A 151 15.37 3.89 -4.07
CA LYS A 151 14.15 4.60 -4.44
C LYS A 151 13.50 5.14 -3.17
N PHE A 152 13.72 4.42 -2.07
CA PHE A 152 13.32 4.93 -0.78
C PHE A 152 13.99 6.27 -0.58
N ARG A 153 15.31 6.27 -0.76
CA ARG A 153 16.12 7.47 -0.66
C ARG A 153 15.50 8.62 -1.46
N VAL A 154 15.20 8.32 -2.71
CA VAL A 154 14.51 9.25 -3.60
C VAL A 154 13.12 9.67 -3.06
N ALA A 155 12.31 8.67 -2.72
CA ALA A 155 10.91 8.88 -2.32
C ALA A 155 10.84 9.83 -1.16
N VAL A 156 11.86 9.74 -0.31
CA VAL A 156 11.99 10.62 0.83
C VAL A 156 12.06 12.03 0.27
N SER A 157 13.07 12.26 -0.57
CA SER A 157 13.40 13.59 -1.07
C SER A 157 12.27 14.22 -1.87
N LEU A 158 11.19 13.46 -2.07
CA LEU A 158 10.06 13.94 -2.87
C LEU A 158 8.81 14.22 -2.05
N GLY A 159 8.63 13.46 -0.96
CA GLY A 159 7.53 13.69 -0.05
C GLY A 159 6.33 12.88 -0.50
N THR A 160 6.65 11.81 -1.23
CA THR A 160 5.66 10.84 -1.66
C THR A 160 5.61 9.70 -0.65
N PRO A 161 4.42 9.38 -0.14
CA PRO A 161 4.16 8.45 0.97
C PRO A 161 4.95 7.12 0.90
N ILE A 162 5.60 6.75 1.99
CA ILE A 162 6.24 5.44 2.06
C ILE A 162 5.37 4.61 2.99
N LYS A 164 4.16 0.70 4.79
CA LYS A 164 4.47 -0.67 5.20
C LYS A 164 3.59 -1.65 4.43
N PRO A 165 4.11 -2.84 4.15
CA PRO A 165 3.30 -3.88 3.52
C PRO A 165 1.94 -4.05 4.23
N GLU A 166 1.90 -3.78 5.53
CA GLU A 166 0.70 -4.01 6.31
C GLU A 166 -0.43 -3.12 5.81
N TRP A 167 -0.06 -2.01 5.20
CA TRP A 167 -1.01 -1.03 4.67
C TRP A 167 -2.04 -1.68 3.78
N ILE A 168 -1.51 -2.49 2.88
CA ILE A 168 -2.30 -3.25 1.94
C ILE A 168 -3.22 -4.22 2.63
N TYR A 169 -2.66 -5.17 3.38
CA TYR A 169 -3.49 -6.20 3.98
C TYR A 169 -4.56 -5.55 4.81
N LYS A 170 -4.16 -4.57 5.62
CA LYS A 170 -5.10 -3.88 6.49
C LYS A 170 -6.14 -3.09 5.68
N ALA A 171 -5.85 -2.87 4.40
CA ALA A 171 -6.77 -2.16 3.51
C ALA A 171 -7.74 -3.15 2.84
N TRP A 172 -7.23 -4.35 2.57
CA TRP A 172 -7.99 -5.39 1.90
C TRP A 172 -9.02 -5.88 2.87
N GLU A 173 -8.74 -5.74 4.15
CA GLU A 173 -9.70 -6.13 5.17
C GLU A 173 -10.95 -5.27 5.06
N ARG A 174 -10.78 -4.03 4.66
CA ARG A 174 -11.92 -3.15 4.58
C ARG A 174 -12.47 -3.09 3.17
N ARG A 175 -12.32 -4.20 2.46
CA ARG A 175 -12.78 -4.28 1.09
C ARG A 175 -14.29 -4.06 0.98
N ASN A 176 -15.04 -4.61 1.91
CA ASN A 176 -16.48 -4.41 1.88
C ASN A 176 -16.97 -3.20 2.67
N GLU A 177 -16.10 -2.22 2.87
CA GLU A 177 -16.50 -0.92 3.46
C GLU A 177 -16.92 0.08 2.39
N GLN A 178 -18.01 0.81 2.65
CA GLN A 178 -18.70 1.58 1.59
C GLN A 178 -17.95 2.80 1.06
N ASP A 179 -17.66 3.77 1.91
CA ASP A 179 -16.94 4.91 1.38
C ASP A 179 -15.46 4.89 1.71
N PHE A 180 -14.92 3.68 1.92
CA PHE A 180 -13.51 3.49 2.23
C PHE A 180 -12.53 3.59 1.04
N TYR A 181 -11.59 4.53 1.15
CA TYR A 181 -10.51 4.75 0.18
C TYR A 181 -9.17 4.84 0.92
N ALA A 182 -8.15 4.15 0.42
CA ALA A 182 -6.95 3.86 1.25
C ALA A 182 -5.82 4.89 1.25
N ALA A 183 -6.03 6.04 0.61
CA ALA A 183 -5.04 7.11 0.65
C ALA A 183 -5.43 8.24 1.59
N VAL A 184 -6.59 8.10 2.27
CA VAL A 184 -7.05 9.11 3.24
C VAL A 184 -6.04 9.31 4.36
N ASP A 185 -5.85 10.58 4.73
CA ASP A 185 -4.76 10.95 5.59
C ASP A 185 -4.65 10.04 6.80
N ASP A 186 -5.71 9.95 7.58
CA ASP A 186 -5.63 9.20 8.83
C ASP A 186 -5.17 7.74 8.66
N PHE A 187 -5.79 7.02 7.73
CA PHE A 187 -5.46 5.61 7.48
C PHE A 187 -4.04 5.44 6.90
N ARG A 188 -3.71 6.30 5.96
CA ARG A 188 -2.36 6.41 5.47
C ARG A 188 -1.45 6.50 6.67
N ASN A 189 -1.74 7.46 7.54
CA ASN A 189 -0.95 7.71 8.72
C ASN A 189 -0.70 6.48 9.59
N GLU A 190 -1.77 5.81 10.03
CA GLU A 190 -1.59 4.62 10.84
C GLU A 190 -0.51 3.72 10.27
N PHE A 191 -0.31 3.77 8.95
CA PHE A 191 0.45 2.72 8.24
C PHE A 191 1.70 3.11 7.49
N LYS A 192 2.09 4.37 7.60
CA LYS A 192 3.29 4.82 6.91
C LYS A 192 4.51 4.21 7.60
N VAL A 193 5.67 4.34 6.98
CA VAL A 193 6.90 3.86 7.61
C VAL A 193 7.35 4.92 8.60
N PRO A 194 7.56 4.49 9.87
CA PRO A 194 7.94 5.39 10.97
C PRO A 194 9.33 5.91 10.73
N PRO A 195 9.54 7.22 10.95
CA PRO A 195 10.79 7.91 10.63
C PRO A 195 12.06 7.14 11.01
N PHE A 196 11.99 6.30 12.05
CA PHE A 196 13.16 5.52 12.48
C PHE A 196 12.87 4.05 12.40
N GLN A 197 12.82 3.49 11.20
CA GLN A 197 12.59 2.07 11.15
C GLN A 197 13.90 1.40 10.84
N ASP A 198 14.18 0.32 11.55
CA ASP A 198 15.45 -0.39 11.34
C ASP A 198 16.57 0.54 11.75
N CYS A 199 16.23 1.49 12.60
CA CYS A 199 17.19 2.44 13.11
C CYS A 199 17.44 2.17 14.57
N ILE A 200 18.71 2.21 14.95
CA ILE A 200 19.14 2.10 16.32
C ILE A 200 20.11 3.24 16.61
N LEU A 201 19.82 4.02 17.66
CA LEU A 201 20.46 5.32 17.86
C LEU A 201 21.20 5.50 19.18
N SER A 202 22.06 6.52 19.22
CA SER A 202 22.81 6.93 20.43
C SER A 202 23.20 8.43 20.38
N PHE A 203 23.36 9.05 21.55
CA PHE A 203 23.49 10.51 21.62
C PHE A 203 24.74 11.04 22.36
N LEU A 204 25.25 12.19 21.89
CA LEU A 204 26.50 12.75 22.38
C LEU A 204 26.47 14.27 22.59
N GLY A 205 26.78 14.72 23.81
CA GLY A 205 26.82 16.14 24.13
C GLY A 205 25.45 16.63 24.58
N PHE A 206 24.73 15.77 25.29
CA PHE A 206 23.35 16.07 25.63
C PHE A 206 23.07 15.94 27.12
N SER A 207 22.04 16.64 27.57
CA SER A 207 21.56 16.54 28.95
C SER A 207 20.86 15.21 29.21
N ASP A 208 21.09 14.63 30.39
CA ASP A 208 20.41 13.39 30.77
C ASP A 208 18.88 13.56 30.71
N GLU A 209 18.42 14.81 30.73
CA GLU A 209 17.00 15.10 30.50
C GLU A 209 16.74 15.18 28.99
N GLU A 210 17.41 16.12 28.30
CA GLU A 210 17.39 16.21 26.85
C GLU A 210 17.53 14.82 26.22
N LYS A 211 18.66 14.17 26.47
CA LYS A 211 18.91 12.83 25.98
C LYS A 211 17.74 11.93 26.27
N THR A 212 17.44 11.71 27.54
CA THR A 212 16.41 10.74 27.92
C THR A 212 15.03 11.15 27.41
N ASN A 213 14.95 12.34 26.83
CA ASN A 213 13.74 12.73 26.11
C ASN A 213 13.82 12.20 24.70
N GLU A 215 15.64 9.64 23.63
CA GLU A 215 15.46 8.20 23.70
C GLU A 215 13.99 7.89 23.67
N GLU A 216 13.22 8.56 24.52
CA GLU A 216 11.78 8.30 24.60
C GLU A 216 11.15 8.45 23.23
N THR A 218 12.62 8.49 20.07
CA THR A 218 13.09 7.47 19.15
C THR A 218 12.23 6.21 19.21
N GLU A 219 12.06 5.62 20.39
CA GLU A 219 11.27 4.38 20.46
C GLU A 219 9.83 4.59 19.98
N GLN A 221 8.94 6.92 17.53
CA GLN A 221 8.99 7.11 16.09
C GLN A 221 9.47 5.83 15.47
N GLY A 222 9.13 4.71 16.10
CA GLY A 222 9.41 3.39 15.57
C GLY A 222 10.85 2.97 15.61
N GLY A 223 11.72 3.79 16.17
CA GLY A 223 13.13 3.45 16.25
C GLY A 223 13.46 2.65 17.49
N LYS A 224 14.72 2.30 17.63
CA LYS A 224 15.25 1.72 18.87
C LYS A 224 16.54 2.44 19.18
N TYR A 225 16.84 2.59 20.47
CA TYR A 225 18.08 3.25 20.88
C TYR A 225 18.89 2.33 21.78
N LEU A 226 20.20 2.60 21.81
CA LEU A 226 21.13 1.81 22.60
C LEU A 226 22.15 2.71 23.27
N PRO A 227 22.60 2.32 24.47
CA PRO A 227 23.77 2.94 25.11
C PRO A 227 24.90 3.13 24.10
N LEU A 228 25.49 4.31 24.13
CA LEU A 228 26.54 4.75 23.21
C LEU A 228 27.58 3.69 22.85
N GLY A 229 28.16 3.81 21.66
CA GLY A 229 29.34 3.04 21.28
C GLY A 229 29.10 1.62 20.78
N ASP A 230 27.92 1.07 21.05
CA ASP A 230 27.57 -0.27 20.58
C ASP A 230 27.90 -0.42 19.08
N GLU A 231 28.27 -1.62 18.65
CA GLU A 231 28.54 -1.85 17.23
C GLU A 231 27.24 -2.00 16.43
N ARG A 232 26.13 -2.27 17.14
CA ARG A 232 24.83 -2.48 16.50
C ARG A 232 24.06 -1.19 16.28
N CYS A 233 24.74 -0.06 16.39
CA CYS A 233 24.14 1.25 16.08
C CYS A 233 24.08 1.52 14.57
N THR A 234 23.00 2.17 14.13
CA THR A 234 22.91 2.61 12.73
C THR A 234 23.57 3.98 12.59
N HIS A 235 23.11 4.94 13.40
CA HIS A 235 23.66 6.29 13.40
C HIS A 235 24.10 6.64 14.79
N LEU A 236 24.82 7.75 14.91
CA LEU A 236 24.96 8.41 16.19
C LEU A 236 24.92 9.93 16.05
N VAL A 237 24.17 10.58 16.93
CA VAL A 237 23.92 12.03 16.86
C VAL A 237 24.82 12.83 17.81
N VAL A 238 25.13 14.07 17.44
CA VAL A 238 26.00 14.89 18.26
C VAL A 238 25.47 16.31 18.47
N GLU A 239 25.96 16.99 19.50
CA GLU A 239 25.86 18.44 19.52
C GLU A 239 27.08 18.97 18.78
N GLU A 240 26.88 19.23 17.49
CA GLU A 240 27.94 19.69 16.59
C GLU A 240 28.78 20.80 17.22
N ASN A 241 28.15 21.56 18.12
CA ASN A 241 28.83 22.61 18.86
C ASN A 241 29.65 22.04 20.02
N ILE A 242 28.93 21.68 21.09
CA ILE A 242 29.53 21.19 22.32
C ILE A 242 30.62 20.16 22.08
N VAL A 243 30.35 19.21 21.19
CA VAL A 243 31.39 18.29 20.79
C VAL A 243 32.33 19.07 19.88
N LYS A 244 33.48 19.48 20.41
CA LYS A 244 34.51 20.05 19.56
C LYS A 244 35.15 18.85 18.86
N ASP A 245 35.15 17.70 19.54
CA ASP A 245 35.55 16.39 18.98
C ASP A 245 35.11 15.18 19.83
N LEU A 246 35.57 13.99 19.43
CA LEU A 246 34.93 12.71 19.81
C LEU A 246 35.77 11.69 20.60
N PRO A 247 35.10 10.91 21.48
CA PRO A 247 35.61 9.82 22.32
C PRO A 247 35.88 8.46 21.63
N PHE A 248 34.96 7.98 20.80
CA PHE A 248 35.12 6.67 20.17
C PHE A 248 35.57 6.75 18.71
N GLU A 249 35.60 5.60 18.05
CA GLU A 249 35.74 5.52 16.60
C GLU A 249 34.65 4.56 16.05
N PRO A 250 34.15 4.84 14.82
CA PRO A 250 33.02 4.11 14.21
C PRO A 250 33.41 2.98 13.24
N SER A 251 32.39 2.31 12.71
CA SER A 251 32.57 1.43 11.55
C SER A 251 32.32 2.26 10.29
N LYS A 252 32.72 1.73 9.14
CA LYS A 252 32.50 2.43 7.87
C LYS A 252 31.05 2.90 7.78
N LYS A 253 30.13 1.94 7.85
CA LYS A 253 28.71 2.18 7.60
C LYS A 253 27.88 2.70 8.80
N LEU A 254 28.54 3.17 9.88
CA LEU A 254 27.82 3.93 10.90
C LEU A 254 27.77 5.42 10.58
N TYR A 255 26.68 6.05 11.02
CA TYR A 255 26.42 7.46 10.75
C TYR A 255 26.72 8.37 11.94
N VAL A 256 27.25 9.55 11.63
CA VAL A 256 27.67 10.53 12.62
C VAL A 256 27.07 11.87 12.26
N VAL A 257 25.86 12.11 12.73
CA VAL A 257 25.09 13.24 12.26
C VAL A 257 25.16 14.41 13.21
N LYS A 258 24.57 15.53 12.79
CA LYS A 258 24.43 16.71 13.62
C LYS A 258 23.08 16.67 14.34
N GLN A 259 22.91 17.50 15.37
CA GLN A 259 21.69 17.47 16.17
C GLN A 259 20.43 17.47 15.29
N GLU A 260 20.46 18.34 14.27
CA GLU A 260 19.28 18.68 13.45
C GLU A 260 18.65 17.49 12.71
N TRP A 261 19.50 16.65 12.11
CA TRP A 261 19.03 15.44 11.41
C TRP A 261 17.95 14.72 12.19
N PHE A 262 18.15 14.60 13.49
CA PHE A 262 17.17 14.01 14.38
C PHE A 262 15.80 14.69 14.26
N TRP A 263 15.70 15.98 14.59
CA TRP A 263 14.41 16.69 14.57
C TRP A 263 13.93 16.94 13.17
N GLY A 264 14.89 17.10 12.26
CA GLY A 264 14.59 17.17 10.84
C GLY A 264 13.71 15.99 10.49
N SER A 265 14.27 14.80 10.68
CA SER A 265 13.55 13.56 10.43
C SER A 265 12.16 13.46 11.06
N ILE A 266 11.92 14.19 12.15
CA ILE A 266 10.67 14.02 12.90
C ILE A 266 9.64 15.04 12.51
N GLN A 267 10.12 16.26 12.30
CA GLN A 267 9.27 17.32 11.77
C GLN A 267 8.84 16.89 10.37
N ASP A 269 8.45 13.69 9.47
CA ASP A 269 7.70 12.44 9.59
C ASP A 269 8.22 11.40 8.61
N ALA A 270 9.52 11.46 8.33
CA ALA A 270 10.15 10.46 7.48
C ALA A 270 11.65 10.48 7.68
N ARG A 271 12.30 9.32 7.59
CA ARG A 271 13.75 9.29 7.70
C ARG A 271 14.35 10.31 6.74
N ALA A 272 15.46 10.94 7.12
CA ALA A 272 15.98 12.05 6.34
C ALA A 272 17.32 11.70 5.73
N GLY A 273 17.73 12.50 4.74
CA GLY A 273 18.95 12.25 3.99
C GLY A 273 20.16 12.57 4.84
N GLU A 274 20.93 11.55 5.18
CA GLU A 274 22.04 11.71 6.11
C GLU A 274 23.20 12.50 5.54
N THR A 275 23.50 12.26 4.26
CA THR A 275 24.69 12.84 3.64
C THR A 275 24.87 14.31 4.03
N TYR A 277 24.29 15.89 6.83
CA TYR A 277 24.65 16.20 8.21
C TYR A 277 25.91 15.49 8.68
N LEU A 278 26.53 14.73 7.78
CA LEU A 278 27.77 14.03 8.08
C LEU A 278 28.76 14.97 8.81
N TYR A 279 29.47 14.44 9.79
CA TYR A 279 30.28 15.25 10.71
C TYR A 279 31.78 15.39 10.34
N GLU A 280 32.26 16.64 10.35
CA GLU A 280 33.65 16.97 10.01
C GLU A 280 34.27 17.95 11.02
N LYS A 281 35.60 18.05 11.04
CA LYS A 281 36.34 18.92 11.98
C LYS A 281 36.32 18.39 13.42
#